data_3KL4
#
_entry.id   3KL4
#
_cell.length_a   91.883
_cell.length_b   91.883
_cell.length_c   133.263
_cell.angle_alpha   90.00
_cell.angle_beta   90.00
_cell.angle_gamma   90.00
#
_symmetry.space_group_name_H-M   'P 41 21 2'
#
loop_
_entity.id
_entity.type
_entity.pdbx_description
1 polymer 'Signal recognition 54 kDa protein'
2 polymer 'Signal peptide of yeast dipeptidyl aminopeptidase B'
#
loop_
_entity_poly.entity_id
_entity_poly.type
_entity_poly.pdbx_seq_one_letter_code
_entity_poly.pdbx_strand_id
1 'polypeptide(L)'
;MGLENIRDAVRKFLTGSTPYEKAVDEFIKDLQKSLISSDVNVKLVFSLTAKIKERLNKEKPPSVLERKEWFISIVYDELS
KLFGGDKEPNVNPTKLPFIIMLVGVQGSGKTTTAGKLAYFYKKRGYKVGLVAADVYRPAAYDQLLQLGNQIGVQVYGEPN
NQNPIEIAKKGVDIFVKNKMDIIIVDTAGRHGYGEETKLLEEMKEMYDVLKPDDVILVIDASIGQKAYDLASRFHQASPI
GSVIITKMDGTAKGGGALSAVVATGATIKFIGTGEKIDELETFNAKRFVSRILGMGDIESILEKVKGLEEYDKIQKKMED
VMEGKGKLTLRDVYAQIIALRKMGPLSKVLQHIPGLGIMLPTPSEDQLKIGEEKIRRWLAALNSMTYKELENPNIIDKSR
MRRIAEGSGLEVEEVRELLEWYNNMNRLLKMVK
;
A
2 'polypeptide(L)' ARSGSGSGSGSKLIRVGIILVLLIWGTVLLLKSIPHHHHHHH B
#
# COMPACT_ATOMS: atom_id res chain seq x y z
N GLY A 2 6.96 22.52 5.89
CA GLY A 2 6.39 21.89 7.12
C GLY A 2 6.77 20.43 7.30
N LEU A 3 6.12 19.55 6.54
CA LEU A 3 6.37 18.11 6.60
C LEU A 3 7.28 17.70 5.44
N GLU A 4 7.29 18.48 4.39
CA GLU A 4 8.10 18.17 3.25
C GLU A 4 9.61 18.32 3.45
N ASN A 5 9.98 19.11 4.46
CA ASN A 5 11.39 19.36 4.82
C ASN A 5 12.08 18.07 5.26
N ILE A 6 11.31 17.00 5.39
CA ILE A 6 11.83 15.73 5.82
C ILE A 6 12.81 15.06 4.89
N ARG A 7 12.43 14.78 3.63
CA ARG A 7 13.41 14.10 2.77
C ARG A 7 14.81 14.66 2.94
N ASP A 8 14.97 15.98 3.06
CA ASP A 8 16.31 16.54 3.24
C ASP A 8 16.94 16.03 4.51
N ALA A 9 16.19 16.11 5.61
CA ALA A 9 16.65 15.63 6.91
C ALA A 9 17.05 14.18 6.74
N VAL A 10 16.59 13.56 5.65
CA VAL A 10 16.92 12.17 5.37
C VAL A 10 18.12 12.15 4.44
N ARG A 11 18.13 13.05 3.47
CA ARG A 11 19.23 13.11 2.53
C ARG A 11 20.49 13.48 3.28
N LYS A 12 20.36 14.05 4.47
CA LYS A 12 21.56 14.38 5.25
C LYS A 12 21.94 13.14 6.06
N PHE A 13 21.03 12.68 6.88
CA PHE A 13 21.29 11.50 7.67
C PHE A 13 21.79 10.40 6.77
N LEU A 14 21.56 10.51 5.47
CA LEU A 14 21.99 9.45 4.60
C LEU A 14 23.22 9.78 3.77
N THR A 15 24.03 10.70 4.26
CA THR A 15 25.25 11.08 3.54
C THR A 15 26.45 11.11 4.48
N GLY A 16 26.50 10.13 5.38
CA GLY A 16 27.59 10.02 6.33
C GLY A 16 28.05 11.39 6.79
N SER A 17 27.09 12.14 7.31
CA SER A 17 27.35 13.49 7.81
C SER A 17 28.26 13.52 9.03
N THR A 18 27.91 12.72 10.02
CA THR A 18 28.66 12.67 11.26
C THR A 18 28.53 11.30 11.93
N PRO A 19 28.97 11.16 13.19
CA PRO A 19 28.86 9.88 13.90
C PRO A 19 27.43 9.35 13.95
N TYR A 20 27.31 8.03 13.99
CA TYR A 20 26.00 7.37 14.03
C TYR A 20 24.99 7.89 15.05
N GLU A 21 25.31 7.83 16.34
CA GLU A 21 24.38 8.29 17.37
C GLU A 21 24.19 9.81 17.43
N LYS A 22 25.22 10.58 17.16
CA LYS A 22 25.11 12.03 17.19
C LYS A 22 24.30 12.51 15.99
N ALA A 23 23.96 11.57 15.11
CA ALA A 23 23.19 11.89 13.91
C ALA A 23 21.75 11.47 14.13
N VAL A 24 21.57 10.27 14.68
CA VAL A 24 20.24 9.76 14.97
C VAL A 24 19.44 10.86 15.64
N ASP A 25 20.01 11.50 16.65
CA ASP A 25 19.29 12.55 17.32
C ASP A 25 18.91 13.77 16.53
N GLU A 26 19.81 14.31 15.71
CA GLU A 26 19.44 15.49 14.94
C GLU A 26 18.20 15.12 14.10
N PHE A 27 18.14 13.87 13.66
CA PHE A 27 16.99 13.45 12.90
C PHE A 27 15.76 13.56 13.77
N ILE A 28 15.76 12.83 14.89
CA ILE A 28 14.64 12.84 15.80
C ILE A 28 14.23 14.25 16.18
N LYS A 29 15.20 15.16 16.20
CA LYS A 29 14.91 16.53 16.54
C LYS A 29 14.06 17.09 15.40
N ASP A 30 14.64 17.01 14.19
CA ASP A 30 14.03 17.47 12.93
C ASP A 30 12.72 16.81 12.50
N LEU A 31 12.55 15.54 12.87
CA LEU A 31 11.35 14.80 12.53
C LEU A 31 10.26 15.40 13.37
N GLN A 32 10.48 15.37 14.68
CA GLN A 32 9.51 15.92 15.58
C GLN A 32 9.21 17.34 15.13
N LYS A 33 10.23 18.11 14.76
CA LYS A 33 10.02 19.49 14.32
C LYS A 33 9.05 19.56 13.15
N SER A 34 9.33 18.73 12.14
CA SER A 34 8.55 18.65 10.95
C SER A 34 7.17 18.13 11.24
N LEU A 35 7.05 17.03 11.96
CA LEU A 35 5.71 16.51 12.24
C LEU A 35 4.82 17.53 12.90
N ILE A 36 5.31 18.06 14.02
CA ILE A 36 4.57 19.03 14.79
C ILE A 36 4.33 20.21 13.94
N SER A 37 5.34 20.58 13.15
CA SER A 37 5.22 21.75 12.28
C SER A 37 4.23 21.45 11.18
N SER A 38 3.77 20.20 11.13
CA SER A 38 2.84 19.75 10.10
C SER A 38 1.44 19.62 10.67
N ASP A 39 1.34 19.96 11.95
CA ASP A 39 0.11 19.91 12.72
C ASP A 39 -0.31 18.50 13.17
N VAL A 40 0.64 17.59 13.26
CA VAL A 40 0.34 16.26 13.74
C VAL A 40 0.20 16.39 15.21
N ASN A 41 -0.66 15.64 15.86
CA ASN A 41 -0.77 15.84 17.31
C ASN A 41 0.56 15.58 18.05
N VAL A 42 0.88 16.42 19.03
CA VAL A 42 2.14 16.26 19.74
C VAL A 42 2.29 15.03 20.57
N LYS A 43 1.25 14.63 21.28
CA LYS A 43 1.35 13.43 22.11
C LYS A 43 1.72 12.27 21.16
N LEU A 44 1.25 12.33 19.93
CA LEU A 44 1.56 11.27 18.96
C LEU A 44 3.01 11.24 18.56
N VAL A 45 3.57 12.43 18.27
CA VAL A 45 4.98 12.54 17.87
C VAL A 45 5.93 11.96 18.91
N PHE A 46 5.84 12.41 20.14
CA PHE A 46 6.76 11.86 21.09
C PHE A 46 6.48 10.45 21.28
N SER A 47 5.23 10.09 21.03
CA SER A 47 4.87 8.69 21.19
C SER A 47 5.71 7.93 20.20
N LEU A 48 5.56 8.32 18.92
CA LEU A 48 6.21 7.66 17.82
C LEU A 48 7.66 7.55 18.03
N THR A 49 8.33 8.67 18.25
CA THR A 49 9.77 8.61 18.44
C THR A 49 10.06 7.61 19.54
N ALA A 50 9.13 7.47 20.48
CA ALA A 50 9.26 6.56 21.61
C ALA A 50 9.41 5.14 21.12
N LYS A 51 8.39 4.65 20.42
CA LYS A 51 8.37 3.29 19.86
C LYS A 51 9.50 3.18 18.85
N ILE A 52 10.14 4.30 18.53
CA ILE A 52 11.25 4.28 17.58
C ILE A 52 12.55 4.06 18.35
N LYS A 53 12.66 4.59 19.56
CA LYS A 53 13.90 4.39 20.31
C LYS A 53 13.88 3.00 20.97
N GLU A 54 12.68 2.44 21.15
CA GLU A 54 12.53 1.11 21.72
C GLU A 54 13.04 0.08 20.74
N ARG A 55 12.73 0.30 19.46
CA ARG A 55 13.16 -0.61 18.42
C ARG A 55 14.66 -0.46 18.19
N LEU A 56 15.15 0.77 18.07
CA LEU A 56 16.58 0.95 17.87
C LEU A 56 17.30 0.16 18.97
N ASN A 57 16.58 -0.13 20.06
CA ASN A 57 17.15 -0.88 21.17
C ASN A 57 17.12 -2.40 21.01
N LYS A 58 15.94 -3.00 21.05
CA LYS A 58 15.84 -4.45 20.96
C LYS A 58 16.06 -5.01 19.54
N GLU A 59 15.36 -4.44 18.57
CA GLU A 59 15.49 -4.91 17.20
C GLU A 59 16.97 -4.90 16.82
N LYS A 60 17.42 -6.02 16.27
CA LYS A 60 18.81 -6.16 15.85
C LYS A 60 18.97 -5.98 14.34
N PRO A 61 19.91 -5.11 13.95
CA PRO A 61 20.19 -4.82 12.54
C PRO A 61 20.52 -6.02 11.66
N PRO A 62 19.83 -6.14 10.54
CA PRO A 62 20.05 -7.23 9.58
C PRO A 62 21.27 -6.97 8.65
N SER A 63 21.77 -8.05 8.04
CA SER A 63 22.91 -7.97 7.12
C SER A 63 22.56 -6.96 6.03
N VAL A 64 23.58 -6.48 5.33
CA VAL A 64 23.43 -5.48 4.25
C VAL A 64 22.64 -4.24 4.71
N LEU A 65 22.55 -4.08 6.03
CA LEU A 65 21.86 -2.95 6.63
C LEU A 65 22.78 -2.10 7.50
N GLU A 66 23.24 -0.97 6.94
CA GLU A 66 24.12 -0.06 7.64
C GLU A 66 23.36 0.43 8.86
N ARG A 67 24.09 0.63 9.95
CA ARG A 67 23.52 1.09 11.20
C ARG A 67 22.39 2.07 10.95
N LYS A 68 22.57 2.99 10.00
CA LYS A 68 21.57 4.00 9.72
C LYS A 68 20.43 3.63 8.81
N GLU A 69 20.72 2.91 7.72
CA GLU A 69 19.67 2.53 6.80
C GLU A 69 18.66 1.67 7.54
N TRP A 70 19.16 0.72 8.32
CA TRP A 70 18.26 -0.10 9.09
C TRP A 70 17.37 0.82 9.91
N PHE A 71 17.99 1.93 10.35
CA PHE A 71 17.32 2.94 11.16
C PHE A 71 16.08 3.44 10.46
N ILE A 72 16.28 4.00 9.27
CA ILE A 72 15.16 4.54 8.50
C ILE A 72 14.09 3.48 8.31
N SER A 73 14.52 2.25 8.06
CA SER A 73 13.57 1.15 7.89
C SER A 73 12.53 1.18 9.04
N ILE A 74 12.98 1.62 10.20
CA ILE A 74 12.12 1.71 11.38
C ILE A 74 11.30 2.97 11.33
N VAL A 75 11.94 4.07 10.93
CA VAL A 75 11.27 5.37 10.80
C VAL A 75 10.11 5.09 9.86
N TYR A 76 10.45 4.87 8.59
CA TYR A 76 9.45 4.59 7.57
C TYR A 76 8.38 3.69 8.12
N ASP A 77 8.76 2.52 8.58
CA ASP A 77 7.79 1.61 9.12
C ASP A 77 6.83 2.38 10.00
N GLU A 78 7.38 3.02 11.03
CA GLU A 78 6.63 3.79 12.04
C GLU A 78 5.77 4.99 11.58
N LEU A 79 6.35 5.91 10.81
CA LEU A 79 5.61 7.02 10.24
C LEU A 79 4.54 6.37 9.43
N SER A 80 4.84 5.16 8.99
CA SER A 80 3.94 4.43 8.17
C SER A 80 2.77 3.90 8.90
N LYS A 81 2.96 3.47 10.14
CA LYS A 81 1.84 2.92 10.92
C LYS A 81 0.90 4.08 11.19
N LEU A 82 1.54 5.22 11.44
CA LEU A 82 0.85 6.44 11.77
C LEU A 82 -0.16 6.88 10.74
N PHE A 83 0.29 7.04 9.51
CA PHE A 83 -0.61 7.48 8.47
C PHE A 83 -1.48 6.39 7.88
N GLY A 84 -1.06 5.14 8.00
CA GLY A 84 -1.85 4.06 7.46
C GLY A 84 -1.70 2.87 8.36
N GLY A 85 -0.94 1.87 7.91
CA GLY A 85 -0.73 0.70 8.75
C GLY A 85 -0.99 -0.59 8.02
N ASP A 86 -1.40 -0.47 6.76
CA ASP A 86 -1.71 -1.64 5.95
C ASP A 86 -1.59 -1.24 4.49
N LYS A 87 -2.16 -2.06 3.61
CA LYS A 87 -2.14 -1.79 2.18
C LYS A 87 -3.37 -0.96 1.71
N GLU A 88 -3.22 -0.34 0.53
CA GLU A 88 -4.25 0.50 -0.08
C GLU A 88 -5.64 -0.15 0.02
N PRO A 89 -6.62 0.57 0.63
CA PRO A 89 -7.98 0.06 0.78
C PRO A 89 -8.57 -0.38 -0.58
N ASN A 90 -9.71 -1.08 -0.54
CA ASN A 90 -10.27 -1.57 -1.78
C ASN A 90 -11.31 -0.63 -2.32
N VAL A 91 -10.81 0.45 -2.90
CA VAL A 91 -11.63 1.46 -3.52
C VAL A 91 -12.48 0.77 -4.60
N ASN A 92 -12.21 -0.51 -4.85
CA ASN A 92 -12.96 -1.24 -5.83
C ASN A 92 -14.27 -1.75 -5.31
N PRO A 93 -15.36 -1.45 -6.02
CA PRO A 93 -16.70 -1.86 -5.64
C PRO A 93 -16.78 -3.36 -5.46
N THR A 94 -17.79 -3.82 -4.76
CA THR A 94 -17.96 -5.24 -4.57
C THR A 94 -19.19 -5.72 -5.37
N LYS A 95 -20.35 -5.55 -4.76
CA LYS A 95 -21.57 -5.94 -5.38
C LYS A 95 -22.00 -4.80 -6.34
N LEU A 96 -22.78 -5.14 -7.37
CA LEU A 96 -23.32 -4.17 -8.33
C LEU A 96 -24.82 -4.15 -8.12
N PRO A 97 -25.42 -2.96 -8.04
CA PRO A 97 -24.58 -1.78 -8.15
C PRO A 97 -24.03 -1.44 -6.77
N PHE A 98 -22.91 -0.71 -6.78
CA PHE A 98 -22.22 -0.25 -5.59
C PHE A 98 -22.79 1.15 -5.40
N ILE A 99 -23.17 1.47 -4.17
CA ILE A 99 -23.73 2.80 -3.85
C ILE A 99 -22.89 3.52 -2.78
N ILE A 100 -22.57 4.79 -3.06
CA ILE A 100 -21.72 5.65 -2.21
C ILE A 100 -22.37 6.97 -1.76
N MET A 101 -22.34 7.24 -0.46
CA MET A 101 -22.92 8.48 0.07
C MET A 101 -21.86 9.50 0.47
N LEU A 102 -22.11 10.76 0.15
CA LEU A 102 -21.16 11.79 0.49
C LEU A 102 -21.60 12.75 1.58
N VAL A 103 -21.12 12.53 2.79
CA VAL A 103 -21.49 13.42 3.87
C VAL A 103 -20.38 14.44 4.15
N GLY A 104 -20.38 15.53 3.40
CA GLY A 104 -19.37 16.55 3.60
C GLY A 104 -19.89 17.77 4.37
N VAL A 105 -19.18 18.13 5.41
CA VAL A 105 -19.54 19.29 6.21
C VAL A 105 -19.33 20.52 5.33
N GLN A 106 -20.23 21.49 5.40
CA GLN A 106 -20.11 22.71 4.60
C GLN A 106 -18.65 23.20 4.53
N GLY A 107 -18.26 23.71 3.36
CA GLY A 107 -16.90 24.21 3.14
C GLY A 107 -15.89 23.11 2.89
N SER A 108 -16.31 21.87 3.12
CA SER A 108 -15.46 20.70 2.97
C SER A 108 -15.32 20.21 1.51
N GLY A 109 -15.90 20.94 0.57
CA GLY A 109 -15.82 20.50 -0.81
C GLY A 109 -16.61 19.25 -0.98
N LYS A 110 -17.61 19.05 -0.12
CA LYS A 110 -18.47 17.87 -0.19
C LYS A 110 -18.87 17.58 -1.65
N THR A 111 -19.19 18.65 -2.39
CA THR A 111 -19.64 18.60 -3.81
C THR A 111 -18.51 18.50 -4.86
N THR A 112 -17.52 19.38 -4.79
CA THR A 112 -16.46 19.29 -5.77
C THR A 112 -15.89 17.88 -5.78
N THR A 113 -15.80 17.29 -4.60
CA THR A 113 -15.30 15.94 -4.44
C THR A 113 -16.22 14.96 -5.15
N ALA A 114 -17.53 15.05 -4.90
CA ALA A 114 -18.45 14.12 -5.55
C ALA A 114 -18.23 14.12 -7.04
N GLY A 115 -17.96 15.29 -7.60
CA GLY A 115 -17.70 15.32 -9.02
C GLY A 115 -16.38 14.57 -9.21
N LYS A 116 -15.30 15.16 -8.68
CA LYS A 116 -13.97 14.59 -8.75
C LYS A 116 -13.89 13.10 -8.54
N LEU A 117 -14.77 12.59 -7.68
CA LEU A 117 -14.83 11.18 -7.37
C LEU A 117 -15.52 10.38 -8.44
N ALA A 118 -16.66 10.86 -8.91
CA ALA A 118 -17.45 10.14 -9.94
C ALA A 118 -16.76 10.14 -11.30
N TYR A 119 -15.80 11.04 -11.43
CA TYR A 119 -14.99 11.14 -12.63
C TYR A 119 -13.94 10.04 -12.38
N PHE A 120 -13.39 10.02 -11.19
CA PHE A 120 -12.43 8.99 -10.87
C PHE A 120 -12.90 7.69 -11.45
N TYR A 121 -14.05 7.23 -10.99
CA TYR A 121 -14.67 5.97 -11.43
C TYR A 121 -15.11 5.83 -12.87
N LYS A 122 -15.56 6.94 -13.46
CA LYS A 122 -15.97 6.93 -14.84
C LYS A 122 -14.72 6.64 -15.63
N LYS A 123 -13.72 7.48 -15.39
CA LYS A 123 -12.43 7.37 -16.06
C LYS A 123 -11.79 6.01 -15.91
N ARG A 124 -12.20 5.26 -14.90
CA ARG A 124 -11.65 3.93 -14.62
C ARG A 124 -12.54 2.88 -15.21
N GLY A 125 -13.56 3.31 -15.95
CA GLY A 125 -14.43 2.35 -16.58
C GLY A 125 -15.75 1.90 -15.98
N TYR A 126 -16.39 2.69 -15.13
CA TYR A 126 -17.64 2.22 -14.61
C TYR A 126 -18.76 3.10 -15.16
N LYS A 127 -20.01 2.77 -14.83
CA LYS A 127 -21.15 3.56 -15.27
C LYS A 127 -21.59 4.22 -14.00
N VAL A 128 -21.05 5.42 -13.78
CA VAL A 128 -21.30 6.27 -12.60
C VAL A 128 -22.58 7.08 -12.73
N GLY A 129 -23.22 7.30 -11.59
CA GLY A 129 -24.44 8.08 -11.53
C GLY A 129 -24.47 8.98 -10.29
N LEU A 130 -24.52 10.29 -10.52
CA LEU A 130 -24.57 11.29 -9.46
C LEU A 130 -25.98 11.68 -9.04
N VAL A 131 -26.33 11.43 -7.78
CA VAL A 131 -27.65 11.76 -7.23
C VAL A 131 -27.55 13.02 -6.39
N ALA A 132 -28.13 14.10 -6.89
CA ALA A 132 -28.09 15.36 -6.17
C ALA A 132 -29.11 15.47 -5.04
N ALA A 133 -28.73 14.92 -3.89
CA ALA A 133 -29.58 14.98 -2.73
C ALA A 133 -29.05 16.17 -1.95
N ASP A 134 -28.25 17.01 -2.62
CA ASP A 134 -27.71 18.21 -1.96
C ASP A 134 -28.86 19.19 -1.78
N VAL A 135 -29.57 19.00 -0.67
CA VAL A 135 -30.71 19.80 -0.36
C VAL A 135 -30.43 21.10 0.30
N TYR A 136 -29.52 21.11 1.26
CA TYR A 136 -29.21 22.33 2.00
C TYR A 136 -28.53 23.42 1.19
N ARG A 137 -28.26 23.14 -0.09
CA ARG A 137 -27.61 24.11 -0.97
C ARG A 137 -28.11 24.04 -2.43
N PRO A 138 -28.78 25.11 -2.91
CA PRO A 138 -29.28 25.15 -4.28
C PRO A 138 -28.14 25.46 -5.27
N ALA A 139 -27.22 26.34 -4.84
CA ALA A 139 -26.07 26.72 -5.68
C ALA A 139 -25.25 25.51 -5.98
N ALA A 140 -25.33 24.52 -5.09
CA ALA A 140 -24.62 23.27 -5.28
C ALA A 140 -25.23 22.61 -6.50
N TYR A 141 -26.56 22.73 -6.64
CA TYR A 141 -27.30 22.16 -7.78
C TYR A 141 -26.71 22.67 -9.08
N ASP A 142 -26.75 23.98 -9.26
CA ASP A 142 -26.20 24.58 -10.47
C ASP A 142 -24.81 24.04 -10.74
N GLN A 143 -23.86 24.46 -9.91
CA GLN A 143 -22.45 24.07 -10.05
C GLN A 143 -22.26 22.58 -10.27
N LEU A 144 -23.13 21.78 -9.65
CA LEU A 144 -23.06 20.33 -9.78
C LEU A 144 -23.32 19.87 -11.21
N LEU A 145 -24.55 20.05 -11.69
CA LEU A 145 -24.90 19.61 -13.04
C LEU A 145 -24.01 20.25 -14.09
N GLN A 146 -23.39 21.38 -13.75
CA GLN A 146 -22.47 22.04 -14.68
C GLN A 146 -21.27 21.11 -14.91
N LEU A 147 -20.52 20.86 -13.85
CA LEU A 147 -19.37 19.98 -13.96
C LEU A 147 -19.85 18.60 -14.36
N GLY A 148 -21.09 18.30 -14.03
CA GLY A 148 -21.64 17.00 -14.37
C GLY A 148 -21.67 16.78 -15.85
N ASN A 149 -22.25 17.73 -16.59
CA ASN A 149 -22.34 17.59 -18.05
C ASN A 149 -20.96 17.66 -18.68
N GLN A 150 -20.07 18.42 -18.05
CA GLN A 150 -18.73 18.56 -18.58
C GLN A 150 -18.00 17.22 -18.49
N ILE A 151 -18.64 16.18 -17.95
CA ILE A 151 -17.95 14.91 -17.84
C ILE A 151 -18.76 13.71 -18.24
N GLY A 152 -19.87 13.96 -18.90
CA GLY A 152 -20.70 12.85 -19.33
C GLY A 152 -21.18 11.94 -18.23
N VAL A 153 -21.90 12.53 -17.27
CA VAL A 153 -22.51 11.82 -16.13
C VAL A 153 -23.88 12.41 -15.87
N GLN A 154 -24.83 11.51 -15.70
CA GLN A 154 -26.21 11.90 -15.42
C GLN A 154 -26.30 12.26 -13.96
N VAL A 155 -27.17 13.19 -13.63
CA VAL A 155 -27.29 13.64 -12.26
C VAL A 155 -28.73 13.83 -11.84
N TYR A 156 -29.37 12.83 -11.23
CA TYR A 156 -30.78 13.02 -10.83
C TYR A 156 -30.94 14.11 -9.77
N GLY A 157 -32.09 14.80 -9.82
CA GLY A 157 -32.36 15.85 -8.85
C GLY A 157 -33.56 16.75 -9.15
N GLU A 158 -34.38 17.03 -8.14
CA GLU A 158 -35.52 17.92 -8.31
C GLU A 158 -35.45 18.92 -7.15
N PRO A 159 -34.91 20.13 -7.41
CA PRO A 159 -34.74 21.22 -6.45
C PRO A 159 -35.92 21.55 -5.55
N ASN A 160 -35.60 21.99 -4.35
CA ASN A 160 -36.59 22.37 -3.35
C ASN A 160 -37.53 21.24 -2.88
N ASN A 161 -37.13 19.98 -3.03
CA ASN A 161 -37.96 18.87 -2.55
C ASN A 161 -37.85 18.89 -1.01
N GLN A 162 -36.82 19.57 -0.48
CA GLN A 162 -36.56 19.69 0.97
C GLN A 162 -36.52 18.36 1.69
N ASN A 163 -36.58 17.30 0.91
CA ASN A 163 -36.51 15.95 1.46
C ASN A 163 -35.66 15.11 0.52
N PRO A 164 -34.36 14.96 0.86
CA PRO A 164 -33.38 14.19 0.10
C PRO A 164 -33.58 12.67 0.18
N ILE A 165 -33.91 12.16 1.37
CA ILE A 165 -34.12 10.71 1.52
C ILE A 165 -35.05 10.17 0.41
N GLU A 166 -35.98 11.01 -0.04
CA GLU A 166 -36.91 10.62 -1.11
C GLU A 166 -36.16 10.73 -2.42
N ILE A 167 -35.40 11.81 -2.56
CA ILE A 167 -34.59 12.04 -3.76
C ILE A 167 -33.68 10.83 -3.95
N ALA A 168 -33.13 10.35 -2.84
CA ALA A 168 -32.24 9.21 -2.86
C ALA A 168 -32.96 7.98 -3.43
N LYS A 169 -33.91 7.43 -2.68
CA LYS A 169 -34.62 6.26 -3.16
C LYS A 169 -35.12 6.42 -4.58
N LYS A 170 -35.55 7.62 -4.93
CA LYS A 170 -36.05 7.85 -6.28
C LYS A 170 -34.89 7.78 -7.27
N GLY A 171 -33.84 8.53 -6.96
CA GLY A 171 -32.67 8.60 -7.82
C GLY A 171 -31.80 7.37 -7.90
N VAL A 172 -31.65 6.63 -6.81
CA VAL A 172 -30.83 5.45 -6.88
C VAL A 172 -31.57 4.33 -7.59
N ASP A 173 -32.84 4.16 -7.24
CA ASP A 173 -33.67 3.12 -7.85
C ASP A 173 -33.79 3.36 -9.36
N ILE A 174 -33.62 4.61 -9.81
CA ILE A 174 -33.67 4.92 -11.25
C ILE A 174 -32.31 4.63 -11.86
N PHE A 175 -31.22 4.83 -11.11
CA PHE A 175 -29.91 4.56 -11.68
C PHE A 175 -29.62 3.09 -11.76
N VAL A 176 -30.65 2.30 -11.51
CA VAL A 176 -30.50 0.86 -11.64
C VAL A 176 -31.07 0.54 -13.02
N LYS A 177 -31.58 1.57 -13.70
CA LYS A 177 -32.14 1.45 -15.06
C LYS A 177 -31.01 1.19 -16.06
N ASN A 178 -30.05 2.13 -16.20
CA ASN A 178 -28.94 1.92 -17.15
C ASN A 178 -28.02 0.85 -16.58
N LYS A 179 -28.48 0.26 -15.48
CA LYS A 179 -27.78 -0.77 -14.73
C LYS A 179 -26.43 -0.18 -14.35
N MET A 180 -26.46 1.13 -14.09
CA MET A 180 -25.28 1.89 -13.72
C MET A 180 -24.53 1.00 -12.71
N ASP A 181 -23.21 1.02 -12.78
CA ASP A 181 -22.43 0.18 -11.90
C ASP A 181 -22.21 0.81 -10.56
N ILE A 182 -21.94 2.11 -10.54
CA ILE A 182 -21.70 2.86 -9.30
C ILE A 182 -22.62 4.08 -9.19
N ILE A 183 -23.11 4.34 -7.98
CA ILE A 183 -24.00 5.48 -7.75
C ILE A 183 -23.53 6.36 -6.59
N ILE A 184 -23.14 7.59 -6.91
CA ILE A 184 -22.65 8.56 -5.92
C ILE A 184 -23.72 9.49 -5.34
N VAL A 185 -24.21 9.19 -4.15
CA VAL A 185 -25.26 10.00 -3.51
C VAL A 185 -24.68 11.10 -2.60
N ASP A 186 -24.56 12.32 -3.15
CA ASP A 186 -24.04 13.47 -2.39
C ASP A 186 -25.17 13.95 -1.49
N THR A 187 -25.20 13.48 -0.23
CA THR A 187 -26.26 13.86 0.70
C THR A 187 -25.99 15.27 1.21
N ALA A 188 -27.06 16.04 1.38
CA ALA A 188 -26.91 17.42 1.85
C ALA A 188 -26.17 17.49 3.18
N GLY A 189 -25.27 18.46 3.27
CA GLY A 189 -24.50 18.64 4.50
C GLY A 189 -24.88 19.97 5.13
N ARG A 190 -25.44 19.90 6.34
CA ARG A 190 -25.88 21.08 7.07
C ARG A 190 -24.96 21.40 8.23
N HIS A 191 -25.37 22.41 9.00
CA HIS A 191 -24.65 22.89 10.18
C HIS A 191 -23.31 23.57 9.93
N GLY A 192 -23.11 24.08 8.72
CA GLY A 192 -21.86 24.77 8.41
C GLY A 192 -20.68 24.20 9.17
N TYR A 193 -19.96 25.02 9.90
CA TYR A 193 -18.81 24.53 10.64
C TYR A 193 -19.21 24.04 12.03
N GLY A 194 -20.22 24.67 12.62
CA GLY A 194 -20.68 24.28 13.93
C GLY A 194 -21.61 23.08 13.84
N GLU A 195 -21.05 21.97 13.40
CA GLU A 195 -21.79 20.72 13.19
C GLU A 195 -22.35 19.95 14.38
N GLU A 196 -21.53 19.80 15.43
CA GLU A 196 -21.93 19.04 16.60
C GLU A 196 -22.23 17.60 16.17
N THR A 197 -23.45 17.15 16.38
CA THR A 197 -23.83 15.79 16.03
C THR A 197 -24.95 15.78 14.98
N LYS A 198 -25.19 16.92 14.34
CA LYS A 198 -26.27 17.06 13.35
C LYS A 198 -26.24 16.11 12.17
N LEU A 199 -25.16 16.18 11.41
CA LEU A 199 -25.02 15.34 10.24
C LEU A 199 -24.98 13.86 10.55
N LEU A 200 -24.49 13.49 11.73
CA LEU A 200 -24.44 12.08 12.07
C LEU A 200 -25.83 11.49 12.17
N GLU A 201 -26.78 12.31 12.64
CA GLU A 201 -28.17 11.87 12.76
C GLU A 201 -28.78 11.78 11.37
N GLU A 202 -28.64 12.86 10.60
CA GLU A 202 -29.18 12.89 9.24
C GLU A 202 -28.60 11.70 8.47
N MET A 203 -27.44 11.22 8.93
CA MET A 203 -26.74 10.10 8.32
C MET A 203 -27.30 8.73 8.70
N LYS A 204 -27.27 8.38 9.99
CA LYS A 204 -27.78 7.08 10.41
C LYS A 204 -29.13 6.84 9.78
N GLU A 205 -29.80 7.95 9.46
CA GLU A 205 -31.10 7.94 8.82
C GLU A 205 -30.96 7.42 7.42
N MET A 206 -30.32 8.23 6.58
CA MET A 206 -30.10 7.87 5.20
C MET A 206 -29.68 6.41 5.06
N TYR A 207 -28.76 6.00 5.91
CA TYR A 207 -28.24 4.63 5.90
C TYR A 207 -29.36 3.63 6.13
N ASP A 208 -30.22 3.92 7.10
CA ASP A 208 -31.32 3.02 7.43
C ASP A 208 -32.34 2.98 6.28
N VAL A 209 -32.73 4.16 5.80
CA VAL A 209 -33.71 4.29 4.71
C VAL A 209 -33.21 3.72 3.38
N LEU A 210 -32.15 4.32 2.84
CA LEU A 210 -31.54 3.92 1.56
C LEU A 210 -30.68 2.67 1.67
N LYS A 211 -29.96 2.55 2.78
CA LYS A 211 -29.12 1.38 2.99
C LYS A 211 -28.17 1.09 1.83
N PRO A 212 -27.14 1.96 1.65
CA PRO A 212 -26.15 1.81 0.57
C PRO A 212 -24.93 0.97 0.95
N ASP A 213 -24.10 0.70 -0.05
CA ASP A 213 -22.87 -0.11 0.09
C ASP A 213 -21.66 0.58 0.70
N ASP A 214 -21.58 1.91 0.57
CA ASP A 214 -20.48 2.69 1.15
C ASP A 214 -20.79 4.15 1.50
N VAL A 215 -20.26 4.58 2.64
CA VAL A 215 -20.43 5.93 3.19
C VAL A 215 -19.07 6.65 3.43
N ILE A 216 -18.85 7.75 2.73
CA ILE A 216 -17.61 8.51 2.83
C ILE A 216 -17.72 9.98 3.30
N LEU A 217 -17.15 10.27 4.47
CA LEU A 217 -17.14 11.63 5.00
C LEU A 217 -15.91 12.43 4.56
N VAL A 218 -16.15 13.47 3.78
CA VAL A 218 -15.10 14.35 3.24
C VAL A 218 -14.54 15.25 4.35
N ILE A 219 -13.24 15.44 4.45
CA ILE A 219 -12.74 16.36 5.44
C ILE A 219 -11.82 17.36 4.75
N ASP A 220 -11.87 18.61 5.19
CA ASP A 220 -11.00 19.60 4.58
C ASP A 220 -9.62 19.40 5.28
N ALA A 221 -8.55 19.21 4.51
CA ALA A 221 -7.25 18.99 5.10
C ALA A 221 -6.72 20.17 5.89
N SER A 222 -7.52 21.25 5.96
CA SER A 222 -7.21 22.51 6.69
C SER A 222 -7.51 22.40 8.21
N ILE A 223 -8.41 21.46 8.55
CA ILE A 223 -8.86 21.21 9.91
C ILE A 223 -7.80 20.64 10.86
N GLY A 224 -6.61 20.39 10.34
CA GLY A 224 -5.55 19.85 11.18
C GLY A 224 -6.01 18.69 12.05
N GLN A 225 -5.29 18.42 13.15
CA GLN A 225 -5.61 17.35 14.07
C GLN A 225 -7.01 17.45 14.64
N LYS A 226 -7.65 18.59 14.42
CA LYS A 226 -8.99 18.80 14.93
C LYS A 226 -9.88 17.73 14.31
N ALA A 227 -9.69 17.47 13.02
CA ALA A 227 -10.48 16.48 12.32
C ALA A 227 -10.72 15.24 13.16
N TYR A 228 -9.95 15.09 14.23
CA TYR A 228 -10.11 13.92 15.10
C TYR A 228 -11.50 13.77 15.77
N ASP A 229 -12.15 14.88 16.08
CA ASP A 229 -13.44 14.82 16.73
C ASP A 229 -14.56 14.40 15.82
N LEU A 230 -14.85 15.22 14.81
CA LEU A 230 -15.91 14.85 13.86
C LEU A 230 -15.66 13.46 13.32
N ALA A 231 -14.40 13.16 13.02
CA ALA A 231 -14.02 11.87 12.47
C ALA A 231 -14.37 10.78 13.42
N SER A 232 -14.02 10.99 14.68
CA SER A 232 -14.29 9.99 15.67
C SER A 232 -15.78 9.77 15.81
N ARG A 233 -16.55 10.84 15.89
CA ARG A 233 -18.01 10.71 16.01
C ARG A 233 -18.53 9.94 14.75
N PHE A 234 -17.92 10.21 13.61
CA PHE A 234 -18.27 9.59 12.34
C PHE A 234 -18.05 8.10 12.41
N HIS A 235 -16.82 7.69 12.70
CA HIS A 235 -16.48 6.28 12.79
C HIS A 235 -17.45 5.64 13.73
N GLN A 236 -17.63 6.24 14.91
CA GLN A 236 -18.57 5.70 15.89
C GLN A 236 -19.91 5.43 15.20
N ALA A 237 -20.55 6.49 14.72
CA ALA A 237 -21.83 6.39 14.03
C ALA A 237 -21.87 5.30 12.97
N SER A 238 -20.99 5.39 11.98
CA SER A 238 -20.93 4.42 10.89
C SER A 238 -19.58 3.74 10.80
N PRO A 239 -19.35 2.70 11.60
CA PRO A 239 -18.07 1.98 11.59
C PRO A 239 -17.67 1.37 10.23
N ILE A 240 -18.61 1.44 9.30
CA ILE A 240 -18.46 0.91 7.94
C ILE A 240 -18.47 2.05 6.92
N GLY A 241 -17.38 2.85 6.88
CA GLY A 241 -17.31 3.97 5.98
C GLY A 241 -15.89 4.44 5.94
N SER A 242 -15.59 5.39 5.06
CA SER A 242 -14.24 5.91 4.87
C SER A 242 -14.24 7.42 4.72
N VAL A 243 -13.11 8.01 5.01
CA VAL A 243 -12.94 9.46 4.95
C VAL A 243 -12.20 9.85 3.67
N ILE A 244 -12.48 11.04 3.19
CA ILE A 244 -11.77 11.53 2.04
C ILE A 244 -11.27 12.86 2.50
N ILE A 245 -9.98 13.14 2.37
CA ILE A 245 -9.50 14.42 2.84
C ILE A 245 -9.12 15.33 1.69
N THR A 246 -9.83 16.45 1.56
CA THR A 246 -9.63 17.39 0.45
C THR A 246 -8.70 18.57 0.70
N LYS A 247 -8.46 19.37 -0.34
CA LYS A 247 -7.62 20.57 -0.25
C LYS A 247 -6.28 20.30 0.40
N MET A 248 -5.79 19.07 0.30
CA MET A 248 -4.55 18.72 0.93
C MET A 248 -3.45 19.70 0.58
N ASP A 249 -3.50 20.20 -0.66
CA ASP A 249 -2.47 21.14 -1.12
C ASP A 249 -2.55 22.61 -0.76
N GLY A 250 -3.63 23.00 -0.10
CA GLY A 250 -3.75 24.40 0.29
C GLY A 250 -3.57 24.60 1.78
N THR A 251 -2.77 23.72 2.40
CA THR A 251 -2.51 23.79 3.84
C THR A 251 -1.15 23.22 4.15
N ALA A 252 -0.70 23.49 5.38
CA ALA A 252 0.59 23.00 5.87
C ALA A 252 0.28 22.16 7.09
N LYS A 253 -1.01 22.01 7.35
CA LYS A 253 -1.42 21.22 8.47
C LYS A 253 -2.01 19.92 7.94
N GLY A 254 -1.51 19.42 6.82
CA GLY A 254 -2.08 18.19 6.32
C GLY A 254 -1.91 16.98 7.24
N GLY A 255 -0.64 16.67 7.49
CA GLY A 255 -0.31 15.56 8.35
C GLY A 255 -1.20 15.47 9.57
N GLY A 256 -1.56 16.61 10.10
CA GLY A 256 -2.39 16.62 11.29
C GLY A 256 -3.72 15.92 11.13
N ALA A 257 -4.27 16.07 9.93
CA ALA A 257 -5.56 15.50 9.56
C ALA A 257 -5.46 14.01 9.27
N LEU A 258 -4.50 13.65 8.42
CA LEU A 258 -4.31 12.24 8.14
C LEU A 258 -4.05 11.51 9.47
N SER A 259 -2.89 11.76 10.07
CA SER A 259 -2.53 11.15 11.37
C SER A 259 -3.65 11.06 12.35
N ALA A 260 -4.44 12.12 12.29
CA ALA A 260 -5.62 12.40 13.12
C ALA A 260 -6.72 11.49 12.81
N VAL A 261 -7.19 11.58 11.57
CA VAL A 261 -8.28 10.75 11.15
C VAL A 261 -7.99 9.28 11.39
N VAL A 262 -6.72 8.91 11.21
CA VAL A 262 -6.22 7.52 11.45
C VAL A 262 -6.30 7.19 12.96
N ALA A 263 -5.84 8.15 13.76
CA ALA A 263 -5.87 8.02 15.18
C ALA A 263 -7.15 7.35 15.68
N THR A 264 -8.30 7.77 15.14
CA THR A 264 -9.62 7.22 15.51
C THR A 264 -9.84 5.78 15.06
N GLY A 265 -9.50 5.53 13.79
CA GLY A 265 -9.63 4.20 13.22
C GLY A 265 -10.33 4.23 11.89
N ALA A 266 -10.57 5.42 11.39
CA ALA A 266 -11.23 5.59 10.11
C ALA A 266 -10.25 5.26 9.03
N THR A 267 -10.78 5.02 7.84
CA THR A 267 -9.91 4.71 6.71
C THR A 267 -9.98 5.83 5.71
N ILE A 268 -8.84 6.19 5.17
CA ILE A 268 -8.78 7.28 4.19
C ILE A 268 -8.69 6.75 2.77
N LYS A 269 -9.78 6.59 2.06
CA LYS A 269 -9.64 6.07 0.74
C LYS A 269 -9.00 6.97 -0.32
N PHE A 270 -9.22 8.28 -0.27
CA PHE A 270 -8.64 9.21 -1.26
C PHE A 270 -8.17 10.49 -0.61
N ILE A 271 -7.54 11.33 -1.41
CA ILE A 271 -7.10 12.59 -0.88
C ILE A 271 -7.13 13.57 -2.02
N GLY A 272 -7.85 14.66 -1.75
CA GLY A 272 -8.01 15.73 -2.71
C GLY A 272 -6.74 16.51 -2.77
N THR A 273 -6.40 16.97 -3.96
CA THR A 273 -5.18 17.73 -4.14
C THR A 273 -5.34 18.84 -5.17
N GLY A 274 -6.49 19.51 -5.17
CA GLY A 274 -6.70 20.59 -6.10
C GLY A 274 -8.15 20.99 -6.29
N GLU A 275 -8.35 21.93 -7.20
CA GLU A 275 -9.68 22.42 -7.50
C GLU A 275 -10.13 21.66 -8.70
N LYS A 276 -9.17 21.28 -9.54
CA LYS A 276 -9.46 20.56 -10.78
C LYS A 276 -10.25 19.27 -10.53
N ILE A 277 -10.67 18.64 -11.63
CA ILE A 277 -11.45 17.40 -11.57
C ILE A 277 -10.57 16.16 -11.40
N ASP A 278 -9.37 16.21 -11.95
CA ASP A 278 -8.43 15.10 -11.86
C ASP A 278 -7.66 15.15 -10.54
N GLU A 279 -7.90 16.18 -9.73
CA GLU A 279 -7.17 16.32 -8.47
C GLU A 279 -7.68 15.45 -7.36
N LEU A 280 -7.61 14.14 -7.52
CA LEU A 280 -8.06 13.24 -6.47
C LEU A 280 -7.42 11.88 -6.73
N GLU A 281 -6.65 11.37 -5.75
CA GLU A 281 -5.95 10.11 -5.97
C GLU A 281 -6.09 9.18 -4.83
N THR A 282 -6.06 7.87 -5.11
CA THR A 282 -6.20 6.90 -4.03
C THR A 282 -5.15 7.01 -2.99
N PHE A 283 -5.53 6.95 -1.73
CA PHE A 283 -4.57 7.07 -0.64
C PHE A 283 -3.80 5.79 -0.28
N ASN A 284 -2.53 5.82 -0.67
CA ASN A 284 -1.59 4.73 -0.41
C ASN A 284 -0.68 5.12 0.75
N ALA A 285 -1.09 4.74 1.95
CA ALA A 285 -0.39 5.07 3.18
C ALA A 285 1.10 5.01 3.05
N LYS A 286 1.59 3.81 2.79
CA LYS A 286 3.02 3.55 2.65
C LYS A 286 3.71 4.40 1.57
N ARG A 287 3.19 4.39 0.35
CA ARG A 287 3.80 5.16 -0.71
C ARG A 287 3.88 6.61 -0.32
N PHE A 288 2.99 7.04 0.58
CA PHE A 288 2.97 8.42 1.02
C PHE A 288 4.12 8.69 1.94
N VAL A 289 4.33 7.77 2.88
CA VAL A 289 5.40 7.90 3.84
C VAL A 289 6.73 7.96 3.03
N SER A 290 6.84 7.12 2.01
CA SER A 290 7.99 7.10 1.16
C SER A 290 8.05 8.37 0.37
N ARG A 291 7.03 8.63 -0.41
CA ARG A 291 7.00 9.84 -1.15
C ARG A 291 7.57 10.99 -0.28
N ILE A 292 7.45 10.92 1.04
CA ILE A 292 7.96 12.00 1.91
C ILE A 292 9.30 11.80 2.59
N LEU A 293 9.54 10.58 2.98
CA LEU A 293 10.78 10.25 3.64
C LEU A 293 11.88 10.37 2.62
N GLY A 294 11.84 9.47 1.66
CA GLY A 294 12.86 9.52 0.65
C GLY A 294 12.30 9.02 -0.65
N MET A 295 12.53 9.82 -1.69
CA MET A 295 12.08 9.48 -3.02
C MET A 295 12.13 7.94 -3.26
N GLY A 296 13.32 7.41 -3.49
CA GLY A 296 13.40 5.99 -3.71
C GLY A 296 14.50 5.50 -2.81
N ASP A 297 15.11 6.42 -2.08
CA ASP A 297 16.18 6.03 -1.18
C ASP A 297 15.62 4.86 -0.37
N ILE A 298 14.39 5.01 0.11
CA ILE A 298 13.78 3.94 0.87
C ILE A 298 13.57 2.72 -0.02
N GLU A 299 13.58 2.98 -1.32
CA GLU A 299 13.41 1.93 -2.27
C GLU A 299 14.60 0.94 -2.13
N SER A 300 15.83 1.43 -2.26
CA SER A 300 16.95 0.52 -2.11
C SER A 300 16.81 -0.25 -0.81
N ILE A 301 16.49 0.45 0.27
CA ILE A 301 16.33 -0.23 1.53
C ILE A 301 15.31 -1.32 1.43
N LEU A 302 14.37 -1.16 0.50
CA LEU A 302 13.31 -2.15 0.30
C LEU A 302 13.84 -3.45 -0.32
N GLU A 303 14.52 -3.30 -1.45
CA GLU A 303 15.11 -4.45 -2.17
C GLU A 303 15.87 -5.28 -1.13
N LYS A 304 16.94 -4.67 -0.63
CA LYS A 304 17.81 -5.28 0.35
C LYS A 304 17.09 -6.07 1.42
N VAL A 305 16.22 -5.44 2.18
CA VAL A 305 15.59 -6.19 3.24
C VAL A 305 14.66 -7.30 2.81
N LYS A 306 13.98 -7.10 1.70
CA LYS A 306 13.01 -8.06 1.16
C LYS A 306 13.51 -9.42 0.65
N GLY A 307 14.24 -9.40 -0.46
CA GLY A 307 14.74 -10.65 -1.03
C GLY A 307 15.43 -11.54 -0.02
N LEU A 308 16.22 -10.88 0.83
CA LEU A 308 16.99 -11.48 1.90
C LEU A 308 16.21 -12.54 2.68
N LEU A 328 12.74 -34.09 3.89
CA LEU A 328 13.38 -33.16 4.80
C LEU A 328 14.29 -32.20 4.05
N THR A 329 14.40 -32.39 2.74
CA THR A 329 15.27 -31.52 1.94
C THR A 329 14.61 -30.63 0.90
N LEU A 330 13.84 -31.22 -0.02
CA LEU A 330 13.24 -30.38 -1.05
C LEU A 330 12.54 -29.13 -0.54
N ARG A 331 12.29 -29.06 0.78
CA ARG A 331 11.63 -27.88 1.34
C ARG A 331 12.60 -26.71 1.32
N ASP A 332 13.65 -26.84 2.12
CA ASP A 332 14.68 -25.80 2.20
C ASP A 332 15.14 -25.51 0.78
N VAL A 333 15.09 -26.54 -0.04
CA VAL A 333 15.48 -26.42 -1.43
C VAL A 333 14.92 -25.14 -2.04
N TYR A 334 13.60 -25.03 -2.08
CA TYR A 334 12.98 -23.86 -2.67
C TYR A 334 13.35 -22.56 -1.96
N ALA A 335 12.96 -22.44 -0.69
CA ALA A 335 13.26 -21.25 0.11
C ALA A 335 14.69 -20.81 -0.12
N GLN A 336 15.57 -21.80 -0.04
CA GLN A 336 17.00 -21.60 -0.23
C GLN A 336 17.34 -21.04 -1.61
N ILE A 337 17.20 -21.89 -2.63
CA ILE A 337 17.49 -21.51 -4.01
C ILE A 337 16.79 -20.23 -4.41
N ILE A 338 15.60 -20.03 -3.85
CA ILE A 338 14.84 -18.85 -4.20
C ILE A 338 15.64 -17.60 -3.82
N ALA A 339 16.00 -17.46 -2.54
CA ALA A 339 16.76 -16.28 -2.10
C ALA A 339 18.04 -16.05 -2.91
N LEU A 340 18.62 -17.11 -3.48
CA LEU A 340 19.83 -16.99 -4.30
C LEU A 340 19.58 -16.39 -5.68
N ARG A 341 18.57 -16.87 -6.40
CA ARG A 341 18.34 -16.29 -7.71
C ARG A 341 18.05 -14.81 -7.56
N LYS A 342 17.35 -14.44 -6.47
CA LYS A 342 17.03 -13.02 -6.21
C LYS A 342 18.31 -12.18 -6.20
N MET A 343 19.20 -12.47 -5.25
CA MET A 343 20.45 -11.73 -5.17
C MET A 343 20.22 -10.22 -5.00
N GLY A 344 20.96 -9.44 -5.76
CA GLY A 344 20.83 -8.00 -5.67
C GLY A 344 22.18 -7.41 -6.05
N PRO A 345 22.20 -6.38 -6.90
CA PRO A 345 23.42 -5.71 -7.36
C PRO A 345 24.15 -4.87 -6.30
N LEU A 346 25.13 -5.50 -5.65
CA LEU A 346 25.95 -4.89 -4.59
C LEU A 346 27.16 -5.81 -4.22
N SER A 347 28.15 -5.27 -3.51
CA SER A 347 29.33 -6.05 -3.09
C SER A 347 29.29 -6.44 -1.60
N LYS A 348 28.22 -6.03 -0.91
CA LYS A 348 27.96 -6.29 0.53
C LYS A 348 27.60 -7.75 0.80
N VAL A 349 27.40 -8.51 -0.28
CA VAL A 349 27.05 -9.93 -0.24
C VAL A 349 28.13 -10.75 0.47
N LEU A 350 29.38 -10.44 0.14
CA LEU A 350 30.53 -11.10 0.72
C LEU A 350 30.76 -10.59 2.13
N GLN A 351 29.99 -9.59 2.55
CA GLN A 351 30.13 -9.03 3.89
C GLN A 351 29.65 -10.08 4.89
N HIS A 352 28.77 -10.96 4.42
CA HIS A 352 28.22 -12.07 5.20
C HIS A 352 29.26 -13.19 5.37
N ILE A 353 29.94 -13.50 4.26
CA ILE A 353 31.00 -14.53 4.20
C ILE A 353 32.32 -14.02 4.78
N PRO A 354 32.96 -14.79 5.69
CA PRO A 354 34.23 -14.33 6.26
C PRO A 354 35.35 -14.28 5.23
N GLY A 355 35.24 -13.39 4.27
CA GLY A 355 36.26 -13.26 3.25
C GLY A 355 36.29 -11.81 2.80
N LEU A 356 37.49 -11.26 2.62
CA LEU A 356 37.63 -9.87 2.18
C LEU A 356 37.85 -9.84 0.66
N GLY A 357 36.95 -9.16 -0.05
CA GLY A 357 37.02 -9.07 -1.50
C GLY A 357 38.28 -8.42 -2.03
N ILE A 358 38.61 -8.72 -3.30
CA ILE A 358 39.82 -8.21 -3.95
C ILE A 358 39.53 -7.38 -5.20
N MET A 359 38.83 -7.97 -6.15
CA MET A 359 38.52 -7.25 -7.38
C MET A 359 37.06 -7.33 -7.78
N LEU A 360 36.59 -6.31 -8.49
CA LEU A 360 35.19 -6.19 -8.94
C LEU A 360 34.88 -6.46 -10.42
N PRO A 361 35.85 -6.28 -11.34
CA PRO A 361 35.46 -6.56 -12.73
C PRO A 361 34.90 -7.99 -12.86
N THR A 362 35.07 -8.78 -11.80
CA THR A 362 34.64 -10.18 -11.79
C THR A 362 33.14 -10.46 -11.74
N PRO A 363 32.38 -9.78 -10.87
CA PRO A 363 30.93 -10.04 -10.81
C PRO A 363 30.14 -9.83 -12.11
N SER A 364 30.79 -9.24 -13.13
CA SER A 364 30.14 -9.04 -14.42
C SER A 364 29.74 -10.42 -14.95
N GLU A 365 30.37 -11.46 -14.38
CA GLU A 365 30.10 -12.86 -14.73
C GLU A 365 28.69 -13.20 -14.23
N ASP A 366 28.23 -12.48 -13.19
CA ASP A 366 26.89 -12.67 -12.60
C ASP A 366 25.82 -12.00 -13.44
N GLN A 367 26.12 -10.79 -13.94
CA GLN A 367 25.16 -10.06 -14.78
C GLN A 367 24.94 -10.87 -16.06
N LEU A 368 26.02 -11.51 -16.51
CA LEU A 368 25.99 -12.33 -17.71
C LEU A 368 25.16 -13.60 -17.47
N LYS A 369 25.26 -14.18 -16.27
CA LYS A 369 24.48 -15.39 -15.92
C LYS A 369 22.98 -15.08 -16.01
N ILE A 370 22.61 -13.89 -15.55
CA ILE A 370 21.23 -13.40 -15.57
C ILE A 370 20.91 -13.04 -17.04
N GLY A 371 21.95 -13.05 -17.87
CA GLY A 371 21.82 -12.73 -19.27
C GLY A 371 20.78 -13.60 -19.93
N GLU A 372 20.93 -14.92 -19.84
CA GLU A 372 19.94 -15.80 -20.41
C GLU A 372 18.66 -15.48 -19.65
N GLU A 373 17.64 -15.03 -20.40
CA GLU A 373 16.36 -14.67 -19.83
C GLU A 373 16.01 -15.65 -18.71
N LYS A 374 16.13 -16.95 -19.02
CA LYS A 374 15.86 -18.02 -18.04
C LYS A 374 17.19 -18.48 -17.40
N ILE A 375 17.33 -18.19 -16.09
CA ILE A 375 18.51 -18.52 -15.29
C ILE A 375 18.56 -19.98 -14.78
N ARG A 376 17.45 -20.50 -14.29
CA ARG A 376 17.42 -21.88 -13.81
C ARG A 376 16.09 -22.56 -14.03
N ARG A 377 16.12 -23.79 -14.54
CA ARG A 377 14.89 -24.55 -14.79
C ARG A 377 14.52 -25.27 -13.51
N TRP A 378 15.36 -25.15 -12.48
CA TRP A 378 15.09 -25.85 -11.23
C TRP A 378 14.01 -25.21 -10.42
N LEU A 379 13.97 -23.89 -10.45
CA LEU A 379 12.95 -23.17 -9.71
C LEU A 379 11.66 -23.31 -10.50
N ALA A 380 11.80 -23.66 -11.77
CA ALA A 380 10.67 -23.81 -12.68
C ALA A 380 9.91 -25.09 -12.42
N ALA A 381 10.64 -26.18 -12.25
CA ALA A 381 10.03 -27.48 -11.97
C ALA A 381 9.53 -27.51 -10.52
N LEU A 382 10.33 -26.94 -9.61
CA LEU A 382 9.98 -26.87 -8.20
C LEU A 382 8.66 -26.11 -8.05
N ASN A 383 8.37 -25.22 -8.99
CA ASN A 383 7.11 -24.49 -8.95
C ASN A 383 6.01 -25.36 -9.55
N SER A 384 6.33 -26.08 -10.62
CA SER A 384 5.33 -26.93 -11.25
C SER A 384 4.94 -28.12 -10.41
N MET A 385 5.42 -28.19 -9.16
CA MET A 385 5.13 -29.31 -8.25
C MET A 385 4.16 -28.98 -7.10
N THR A 386 3.37 -29.97 -6.68
CA THR A 386 2.44 -29.79 -5.56
C THR A 386 3.29 -29.42 -4.34
N TYR A 387 2.70 -28.81 -3.32
CA TYR A 387 3.49 -28.45 -2.16
C TYR A 387 3.74 -29.66 -1.24
N LYS A 388 3.22 -30.82 -1.65
CA LYS A 388 3.40 -32.08 -0.91
C LYS A 388 4.34 -32.96 -1.72
N GLU A 389 4.12 -32.93 -3.04
CA GLU A 389 4.93 -33.68 -4.01
C GLU A 389 6.36 -33.10 -3.94
N LEU A 390 6.52 -31.98 -3.22
CA LEU A 390 7.81 -31.33 -3.01
C LEU A 390 8.42 -31.95 -1.76
N GLU A 391 7.59 -32.58 -0.95
CA GLU A 391 8.06 -33.24 0.27
C GLU A 391 8.60 -34.64 0.02
N ASN A 392 7.69 -35.60 -0.26
CA ASN A 392 8.08 -37.00 -0.53
C ASN A 392 7.99 -37.39 -2.00
N PRO A 393 9.02 -37.06 -2.77
CA PRO A 393 9.08 -37.36 -4.21
C PRO A 393 9.40 -38.78 -4.62
N ASN A 394 9.72 -39.66 -3.67
CA ASN A 394 10.01 -41.04 -4.06
C ASN A 394 8.72 -41.72 -4.52
N ILE A 395 7.63 -40.93 -4.53
CA ILE A 395 6.30 -41.37 -4.97
C ILE A 395 6.13 -40.96 -6.43
N ILE A 396 7.05 -40.12 -6.89
CA ILE A 396 7.05 -39.63 -8.27
C ILE A 396 7.24 -40.82 -9.21
N ASP A 397 6.44 -40.83 -10.27
CA ASP A 397 6.49 -41.89 -11.27
C ASP A 397 6.82 -41.25 -12.59
N LYS A 398 6.91 -42.06 -13.64
CA LYS A 398 7.25 -41.55 -14.97
C LYS A 398 6.12 -40.69 -15.56
N SER A 399 4.88 -40.99 -15.19
CA SER A 399 3.75 -40.20 -15.69
C SER A 399 3.79 -38.86 -14.95
N ARG A 400 4.04 -38.91 -13.64
CA ARG A 400 4.12 -37.72 -12.81
C ARG A 400 5.33 -36.88 -13.22
N MET A 401 6.39 -37.58 -13.66
CA MET A 401 7.63 -36.94 -14.10
C MET A 401 7.54 -36.23 -15.46
N ARG A 402 6.67 -36.69 -16.36
CA ARG A 402 6.54 -35.97 -17.65
C ARG A 402 5.50 -34.84 -17.44
N ARG A 403 4.61 -35.02 -16.46
CA ARG A 403 3.60 -34.03 -16.10
C ARG A 403 4.31 -32.77 -15.57
N ILE A 404 5.13 -32.97 -14.54
CA ILE A 404 5.91 -31.92 -13.91
C ILE A 404 6.94 -31.34 -14.89
N ALA A 405 7.36 -32.16 -15.84
CA ALA A 405 8.33 -31.74 -16.83
C ALA A 405 7.69 -30.83 -17.87
N GLU A 406 6.64 -31.31 -18.51
CA GLU A 406 5.97 -30.53 -19.53
C GLU A 406 5.38 -29.28 -18.89
N GLY A 407 4.91 -29.40 -17.66
CA GLY A 407 4.34 -28.22 -17.02
C GLY A 407 5.38 -27.13 -16.82
N SER A 408 6.63 -27.53 -16.57
CA SER A 408 7.71 -26.56 -16.34
C SER A 408 8.44 -26.06 -17.59
N GLY A 409 8.30 -26.80 -18.69
CA GLY A 409 8.96 -26.43 -19.93
C GLY A 409 10.19 -27.28 -20.13
N LEU A 410 10.60 -27.96 -19.06
CA LEU A 410 11.77 -28.81 -19.09
C LEU A 410 11.48 -30.15 -19.77
N GLU A 411 12.47 -31.04 -19.73
CA GLU A 411 12.34 -32.35 -20.33
C GLU A 411 12.42 -33.40 -19.22
N VAL A 412 11.84 -34.58 -19.44
CA VAL A 412 11.88 -35.61 -18.40
C VAL A 412 13.31 -35.82 -17.90
N GLU A 413 14.27 -35.43 -18.72
CA GLU A 413 15.69 -35.57 -18.38
C GLU A 413 16.18 -34.48 -17.42
N GLU A 414 15.79 -33.23 -17.66
CA GLU A 414 16.18 -32.12 -16.79
C GLU A 414 15.57 -32.37 -15.39
N VAL A 415 14.40 -33.02 -15.37
CA VAL A 415 13.70 -33.33 -14.12
C VAL A 415 14.26 -34.56 -13.37
N ARG A 416 14.63 -35.62 -14.09
CA ARG A 416 15.20 -36.81 -13.44
C ARG A 416 16.47 -36.35 -12.72
N GLU A 417 17.29 -35.58 -13.42
CA GLU A 417 18.53 -35.07 -12.82
C GLU A 417 18.15 -34.41 -11.50
N LEU A 418 17.19 -33.49 -11.55
CA LEU A 418 16.72 -32.78 -10.35
C LEU A 418 16.44 -33.71 -9.18
N LEU A 419 15.53 -34.65 -9.40
CA LEU A 419 15.12 -35.61 -8.39
C LEU A 419 16.30 -36.39 -7.82
N GLU A 420 17.18 -36.88 -8.69
CA GLU A 420 18.36 -37.65 -8.24
C GLU A 420 19.22 -36.81 -7.28
N TRP A 421 19.29 -35.50 -7.54
CA TRP A 421 20.07 -34.55 -6.73
C TRP A 421 19.52 -34.40 -5.32
N TYR A 422 18.20 -34.32 -5.20
CA TYR A 422 17.61 -34.17 -3.88
C TYR A 422 18.04 -35.33 -3.02
N ASN A 423 17.87 -36.55 -3.53
CA ASN A 423 18.25 -37.74 -2.76
C ASN A 423 19.77 -37.88 -2.46
N ASN A 424 20.63 -37.66 -3.46
CA ASN A 424 22.10 -37.75 -3.29
C ASN A 424 22.52 -36.88 -2.12
N MET A 425 21.72 -35.84 -1.87
CA MET A 425 21.93 -34.90 -0.76
C MET A 425 21.25 -35.53 0.45
N ASN A 426 20.16 -36.24 0.19
CA ASN A 426 19.41 -36.94 1.22
C ASN A 426 20.41 -37.92 1.85
N ARG A 427 21.10 -38.66 0.98
CA ARG A 427 22.12 -39.66 1.34
C ARG A 427 23.40 -39.07 1.92
N LEU A 428 23.87 -37.96 1.34
CA LEU A 428 25.09 -37.27 1.77
C LEU A 428 25.02 -36.79 3.22
N LEU A 429 23.96 -36.04 3.55
CA LEU A 429 23.79 -35.52 4.93
C LEU A 429 23.59 -36.71 5.87
N LYS A 430 23.12 -37.84 5.34
CA LYS A 430 22.97 -39.03 6.19
C LYS A 430 24.39 -39.48 6.51
N MET A 431 25.28 -39.29 5.54
CA MET A 431 26.67 -39.68 5.69
C MET A 431 27.49 -38.66 6.51
N VAL A 432 26.80 -37.88 7.32
CA VAL A 432 27.45 -36.92 8.21
C VAL A 432 26.58 -36.80 9.45
N LYS A 433 27.04 -36.17 10.44
N GLY B 17 25.00 -23.21 7.96
CA GLY B 17 25.31 -22.10 7.01
C GLY B 17 26.26 -22.61 5.96
N ILE B 18 27.18 -23.45 6.38
CA ILE B 18 28.17 -24.04 5.50
C ILE B 18 27.43 -25.15 4.70
N ILE B 19 26.40 -25.71 5.32
CA ILE B 19 25.56 -26.77 4.77
C ILE B 19 25.13 -26.47 3.30
N LEU B 20 24.70 -25.22 3.06
CA LEU B 20 24.26 -24.79 1.73
C LEU B 20 25.46 -24.44 0.83
N VAL B 21 26.55 -24.02 1.45
CA VAL B 21 27.72 -23.68 0.69
C VAL B 21 28.31 -24.95 0.14
N LEU B 22 27.68 -26.06 0.45
CA LEU B 22 28.09 -27.37 -0.05
C LEU B 22 27.02 -27.85 -1.00
N LEU B 23 25.78 -27.88 -0.50
CA LEU B 23 24.66 -28.34 -1.27
C LEU B 23 24.44 -27.41 -2.46
N ILE B 24 24.16 -26.15 -2.19
CA ILE B 24 23.94 -25.22 -3.27
C ILE B 24 25.25 -25.13 -4.06
N TRP B 25 26.33 -25.53 -3.38
CA TRP B 25 27.67 -25.51 -3.99
C TRP B 25 27.93 -26.62 -5.04
N GLY B 26 28.11 -27.87 -4.61
CA GLY B 26 28.40 -28.93 -5.55
C GLY B 26 27.45 -29.24 -6.71
N THR B 27 26.58 -28.30 -7.07
CA THR B 27 25.59 -28.47 -8.15
C THR B 27 26.17 -28.44 -9.56
N VAL B 28 26.92 -27.38 -9.84
CA VAL B 28 27.52 -27.15 -11.15
C VAL B 28 28.47 -28.23 -11.64
N LEU B 29 28.90 -29.12 -10.74
CA LEU B 29 29.80 -30.20 -11.14
C LEU B 29 29.33 -30.91 -12.42
N LEU B 30 28.03 -31.21 -12.51
CA LEU B 30 27.50 -31.88 -13.70
C LEU B 30 26.32 -31.17 -14.34
N LEU B 31 26.36 -29.84 -14.33
CA LEU B 31 25.27 -29.05 -14.93
C LEU B 31 25.25 -29.41 -16.43
N LYS B 32 25.83 -30.56 -16.77
CA LYS B 32 25.90 -31.02 -18.14
C LYS B 32 24.62 -31.55 -18.82
N SER B 33 23.71 -32.15 -18.06
CA SER B 33 22.46 -32.70 -18.67
C SER B 33 21.60 -31.72 -19.49
N ILE B 34 21.95 -30.43 -19.43
CA ILE B 34 21.23 -29.36 -20.11
C ILE B 34 21.23 -29.42 -21.66
N PRO B 35 20.15 -28.88 -22.29
CA PRO B 35 19.97 -28.83 -23.74
C PRO B 35 20.93 -27.87 -24.48
N HIS B 36 20.79 -27.80 -25.80
CA HIS B 36 21.62 -26.94 -26.65
C HIS B 36 20.88 -26.53 -27.91
N HIS B 37 21.23 -25.49 -28.48
#